data_2XVW
#
_entry.id   2XVW
#
_cell.length_a   187.080
_cell.length_b   38.760
_cell.length_c   95.730
_cell.angle_alpha   90.00
_cell.angle_beta   105.64
_cell.angle_gamma   90.00
#
_symmetry.space_group_name_H-M   'C 1 2 1'
#
loop_
_entity.id
_entity.type
_entity.pdbx_description
1 polymer 'SERUM ALBUMIN'
2 non-polymer 'MYRISTIC ACID'
3 non-polymer DANSYL-L-ARGININE
4 water water
#
_entity_poly.entity_id   1
_entity_poly.type   'polypeptide(L)'
_entity_poly.pdbx_seq_one_letter_code
;DAHKSEVAHRFKDLGEENFKALVLIAFAQYLQQCPFEDHVKLVNEVTEFAKTCVADESAENCDKSLHTLFGDKLCTVATL
RETYGEMADCCAKQEPERNECFLQHKDDNPNLPRLVRPEVDVMCTAFHDNEETFLKKYLYEIARRHPYFYAPELLFFAKR
YKAAFTECCQAADKAACLLPKLDELRDEGKASSAKQRLKCASLQKFGERAFKAWAVARLSQRFPKAEFAEVSKLVTDLTK
VHTECCHGDLLECADDRADLAKYICENQDSISSKLKECCEKPLLEKSHCIAEVENDEMPADLPSLAADFVESKDVCKNYA
EAKDVFLGMFLYEYARRHPDYSVVLLLRLAKTYETTLEKCCAAADPHECYAKVFDEFKPLVEEPQNLIKQNCELFEQLGE
YKFQNALLVRYTKKVPQVSTPTLVEVSRNLGKVGSKCCKHPEAKRMPCAEDYLSVVLNQLCVLHEKTPVSDRVTKCCTES
LVNRRPCFSALEVDETYVPKEFNAETFTFHADICTLSEKEEQIKKQTALVELVKHKPKATKEQLKAVMDDFAAFVEKCCK
ADDKETCFAEEGKKLVAASQAALGL
;
_entity_poly.pdbx_strand_id   A
#
loop_
_chem_comp.id
_chem_comp.type
_chem_comp.name
_chem_comp.formula
MYR non-polymer 'MYRISTIC ACID' 'C14 H28 O2'
#
# COMPACT_ATOMS: atom_id res chain seq x y z
N HIS A 3 5.54 13.06 32.61
CA HIS A 3 6.03 13.20 34.01
C HIS A 3 5.04 12.66 35.03
N LYS A 4 4.68 13.49 36.00
CA LYS A 4 3.73 13.10 37.02
C LYS A 4 2.42 12.76 36.33
N SER A 5 2.04 13.57 35.35
CA SER A 5 0.80 13.34 34.64
C SER A 5 0.97 13.13 33.14
N GLU A 6 0.54 11.96 32.69
CA GLU A 6 0.63 11.58 31.28
C GLU A 6 -0.30 12.34 30.35
N VAL A 7 -1.58 12.45 30.70
CA VAL A 7 -2.51 13.17 29.83
C VAL A 7 -2.08 14.62 29.69
N ALA A 8 -1.61 15.19 30.80
CA ALA A 8 -1.17 16.57 30.79
C ALA A 8 -0.02 16.72 29.81
N HIS A 9 0.93 15.80 29.89
CA HIS A 9 2.11 15.83 29.03
C HIS A 9 1.76 15.73 27.56
N ARG A 10 0.87 14.81 27.23
CA ARG A 10 0.44 14.60 25.85
C ARG A 10 -0.33 15.78 25.36
N PHE A 11 -1.15 16.36 26.23
CA PHE A 11 -1.96 17.51 25.89
C PHE A 11 -1.02 18.65 25.50
N LYS A 12 -0.03 18.89 26.35
CA LYS A 12 0.93 19.93 26.10
C LYS A 12 1.71 19.73 24.79
N ASP A 13 2.23 18.53 24.56
CA ASP A 13 2.97 18.30 23.31
C ASP A 13 2.07 18.48 22.09
N LEU A 14 1.07 17.62 21.99
CA LEU A 14 0.14 17.60 20.87
C LEU A 14 -0.60 18.88 20.52
N GLY A 15 -1.15 19.55 21.54
CA GLY A 15 -1.94 20.74 21.31
C GLY A 15 -3.39 20.32 21.49
N GLU A 16 -4.29 21.29 21.64
CA GLU A 16 -5.70 20.97 21.84
C GLU A 16 -6.31 20.35 20.59
N GLU A 17 -6.23 21.05 19.48
CA GLU A 17 -6.80 20.55 18.24
C GLU A 17 -6.38 19.12 17.89
N ASN A 18 -5.08 18.84 17.90
CA ASN A 18 -4.60 17.51 17.58
C ASN A 18 -5.05 16.47 18.57
N PHE A 19 -4.98 16.82 19.84
CA PHE A 19 -5.41 15.94 20.93
C PHE A 19 -6.85 15.51 20.72
N LYS A 20 -7.74 16.48 20.55
CA LYS A 20 -9.16 16.20 20.34
C LYS A 20 -9.39 15.31 19.14
N ALA A 21 -8.60 15.48 18.09
CA ALA A 21 -8.76 14.67 16.88
C ALA A 21 -8.28 13.24 17.13
N LEU A 22 -7.13 13.10 17.75
CA LEU A 22 -6.59 11.79 18.03
C LEU A 22 -7.49 11.00 18.98
N VAL A 23 -8.02 11.66 20.00
CA VAL A 23 -8.89 10.96 20.93
C VAL A 23 -10.10 10.46 20.16
N LEU A 24 -10.63 11.31 19.27
CA LEU A 24 -11.76 10.91 18.46
C LEU A 24 -11.42 9.64 17.67
N ILE A 25 -10.36 9.68 16.86
CA ILE A 25 -9.96 8.53 16.07
C ILE A 25 -9.77 7.26 16.90
N ALA A 26 -9.13 7.40 18.05
CA ALA A 26 -8.88 6.28 18.92
C ALA A 26 -10.18 5.62 19.38
N PHE A 27 -11.15 6.44 19.78
CA PHE A 27 -12.44 5.91 20.22
C PHE A 27 -13.23 5.33 19.07
N ALA A 28 -13.16 5.97 17.92
CA ALA A 28 -13.88 5.47 16.77
C ALA A 28 -13.31 4.09 16.39
N GLN A 29 -12.04 3.86 16.67
CA GLN A 29 -11.41 2.60 16.32
C GLN A 29 -11.75 1.42 17.23
N TYR A 30 -12.21 1.70 18.45
CA TYR A 30 -12.62 0.62 19.34
C TYR A 30 -14.13 0.51 19.29
N LEU A 31 -14.83 1.57 19.67
CA LEU A 31 -16.27 1.57 19.64
C LEU A 31 -16.76 1.89 18.23
N GLN A 32 -16.48 0.98 17.31
CA GLN A 32 -16.86 1.17 15.92
C GLN A 32 -18.36 1.27 15.67
N GLN A 33 -19.17 0.82 16.62
CA GLN A 33 -20.63 0.83 16.47
C GLN A 33 -21.35 2.04 17.02
N CYS A 34 -20.77 2.73 18.00
CA CYS A 34 -21.45 3.90 18.56
C CYS A 34 -21.52 5.02 17.53
N PRO A 35 -22.58 5.84 17.61
CA PRO A 35 -22.78 6.97 16.69
C PRO A 35 -21.86 8.14 16.98
N PHE A 36 -21.69 8.99 15.97
CA PHE A 36 -20.82 10.16 16.04
C PHE A 36 -21.01 11.04 17.29
N GLU A 37 -22.25 11.40 17.58
CA GLU A 37 -22.55 12.27 18.73
C GLU A 37 -22.07 11.70 20.08
N ASP A 38 -22.01 10.38 20.19
CA ASP A 38 -21.56 9.74 21.42
C ASP A 38 -20.07 9.95 21.62
N HIS A 39 -19.31 9.75 20.55
CA HIS A 39 -17.86 9.92 20.61
C HIS A 39 -17.48 11.36 20.90
N VAL A 40 -18.18 12.29 20.27
CA VAL A 40 -17.94 13.70 20.46
C VAL A 40 -18.05 14.04 21.93
N LYS A 41 -19.02 13.41 22.59
CA LYS A 41 -19.22 13.66 24.00
C LYS A 41 -17.99 13.18 24.75
N LEU A 42 -17.59 11.95 24.46
CA LEU A 42 -16.41 11.35 25.09
C LEU A 42 -15.22 12.27 24.92
N VAL A 43 -14.96 12.69 23.69
CA VAL A 43 -13.84 13.59 23.42
C VAL A 43 -13.89 14.80 24.34
N ASN A 44 -15.03 15.49 24.37
CA ASN A 44 -15.18 16.66 25.23
C ASN A 44 -14.82 16.35 26.67
N GLU A 45 -15.35 15.26 27.20
CA GLU A 45 -15.06 14.89 28.57
C GLU A 45 -13.59 14.57 28.79
N VAL A 46 -12.98 13.86 27.85
CA VAL A 46 -11.56 13.51 27.99
C VAL A 46 -10.74 14.79 27.86
N THR A 47 -11.09 15.66 26.91
CA THR A 47 -10.35 16.90 26.73
C THR A 47 -10.46 17.74 27.99
N GLU A 48 -11.69 17.92 28.49
CA GLU A 48 -11.89 18.70 29.71
C GLU A 48 -11.01 18.15 30.81
N PHE A 49 -11.12 16.84 31.04
CA PHE A 49 -10.31 16.21 32.07
C PHE A 49 -8.84 16.56 31.85
N ALA A 50 -8.40 16.48 30.59
CA ALA A 50 -7.01 16.79 30.25
C ALA A 50 -6.63 18.21 30.71
N LYS A 51 -7.47 19.19 30.40
CA LYS A 51 -7.20 20.57 30.79
C LYS A 51 -7.11 20.69 32.31
N THR A 52 -7.83 19.83 33.00
CA THR A 52 -7.81 19.84 34.45
C THR A 52 -6.43 19.47 34.94
N CYS A 53 -5.84 18.49 34.29
CA CYS A 53 -4.51 18.01 34.65
C CYS A 53 -3.39 18.95 34.23
N VAL A 54 -3.58 19.65 33.12
CA VAL A 54 -2.58 20.58 32.65
C VAL A 54 -2.47 21.65 33.73
N ALA A 55 -3.62 22.04 34.27
CA ALA A 55 -3.70 23.06 35.32
C ALA A 55 -3.06 22.63 36.62
N ASP A 56 -3.44 21.46 37.11
CA ASP A 56 -2.91 20.93 38.35
C ASP A 56 -2.48 19.49 38.12
N GLU A 57 -1.20 19.32 37.80
CA GLU A 57 -0.63 18.01 37.54
C GLU A 57 -1.03 16.97 38.59
N SER A 58 -1.30 17.43 39.80
CA SER A 58 -1.63 16.54 40.89
C SER A 58 -3.13 16.37 41.15
N ALA A 59 -3.95 16.88 40.24
CA ALA A 59 -5.40 16.78 40.39
C ALA A 59 -5.86 15.32 40.29
N GLU A 60 -7.10 15.07 40.71
CA GLU A 60 -7.67 13.75 40.70
C GLU A 60 -7.43 12.98 39.38
N ASN A 61 -7.02 11.72 39.53
CA ASN A 61 -6.78 10.79 38.41
C ASN A 61 -5.66 11.14 37.44
N CYS A 62 -5.18 12.36 37.48
CA CYS A 62 -4.13 12.78 36.58
C CYS A 62 -2.86 11.93 36.62
N ASP A 63 -2.71 11.15 37.69
CA ASP A 63 -1.53 10.31 37.85
C ASP A 63 -1.66 9.01 37.06
N LYS A 64 -2.88 8.49 36.98
CA LYS A 64 -3.15 7.25 36.26
C LYS A 64 -2.62 7.23 34.84
N SER A 65 -2.14 6.06 34.42
CA SER A 65 -1.59 5.87 33.09
C SER A 65 -2.67 6.06 32.01
N LEU A 66 -2.23 6.29 30.78
CA LEU A 66 -3.14 6.48 29.67
C LEU A 66 -3.95 5.23 29.36
N HIS A 67 -3.32 4.06 29.38
CA HIS A 67 -4.04 2.81 29.11
C HIS A 67 -5.18 2.68 30.12
N THR A 68 -4.87 2.92 31.38
CA THR A 68 -5.85 2.84 32.44
C THR A 68 -6.98 3.84 32.23
N LEU A 69 -6.61 5.09 31.96
CA LEU A 69 -7.60 6.14 31.73
C LEU A 69 -8.49 5.78 30.55
N PHE A 70 -7.86 5.42 29.44
CA PHE A 70 -8.58 5.05 28.21
C PHE A 70 -9.51 3.87 28.44
N GLY A 71 -9.02 2.87 29.15
CA GLY A 71 -9.84 1.71 29.43
C GLY A 71 -11.06 2.07 30.26
N ASP A 72 -10.86 2.81 31.35
CA ASP A 72 -11.97 3.20 32.22
C ASP A 72 -13.08 3.93 31.47
N LYS A 73 -12.70 4.89 30.63
CA LYS A 73 -13.71 5.64 29.90
C LYS A 73 -14.42 4.74 28.94
N LEU A 74 -13.68 3.78 28.41
CA LEU A 74 -14.21 2.82 27.45
C LEU A 74 -15.29 1.97 28.11
N CYS A 75 -15.04 1.58 29.35
CA CYS A 75 -15.95 0.76 30.15
C CYS A 75 -17.11 1.53 30.72
N THR A 76 -17.11 2.83 30.45
CA THR A 76 -18.12 3.75 30.91
C THR A 76 -19.40 3.57 30.08
N VAL A 77 -19.24 3.24 28.81
CA VAL A 77 -20.36 3.03 27.91
C VAL A 77 -21.33 1.99 28.44
N ALA A 78 -22.54 2.45 28.78
CA ALA A 78 -23.59 1.62 29.34
C ALA A 78 -24.12 0.55 28.39
N THR A 79 -24.22 0.87 27.10
CA THR A 79 -24.72 -0.11 26.14
C THR A 79 -23.58 -0.98 25.64
N LEU A 80 -22.48 -0.99 26.39
CA LEU A 80 -21.31 -1.77 26.03
C LEU A 80 -21.64 -3.23 25.73
N ARG A 81 -22.22 -3.94 26.69
CA ARG A 81 -22.58 -5.34 26.49
C ARG A 81 -23.69 -5.51 25.45
N GLU A 82 -24.73 -4.71 25.57
CA GLU A 82 -25.83 -4.81 24.63
C GLU A 82 -25.34 -4.63 23.20
N THR A 83 -24.50 -3.62 22.97
CA THR A 83 -24.00 -3.32 21.63
C THR A 83 -22.77 -4.11 21.22
N TYR A 84 -21.86 -4.33 22.16
CA TYR A 84 -20.62 -5.03 21.85
C TYR A 84 -20.45 -6.41 22.51
N GLY A 85 -21.50 -6.86 23.20
CA GLY A 85 -21.45 -8.15 23.86
C GLY A 85 -20.14 -8.55 24.51
N GLU A 86 -19.55 -9.62 24.00
CA GLU A 86 -18.29 -10.17 24.50
C GLU A 86 -17.25 -9.12 24.95
N MET A 87 -17.17 -8.01 24.23
CA MET A 87 -16.20 -6.99 24.58
C MET A 87 -16.38 -6.45 25.99
N ALA A 88 -17.62 -6.31 26.44
CA ALA A 88 -17.90 -5.79 27.78
C ALA A 88 -17.24 -6.64 28.85
N ASP A 89 -17.04 -7.93 28.58
CA ASP A 89 -16.39 -8.81 29.56
C ASP A 89 -14.95 -8.35 29.80
N CYS A 90 -14.45 -7.52 28.88
CA CYS A 90 -13.11 -6.96 28.99
C CYS A 90 -13.00 -6.05 30.21
N CYS A 91 -14.11 -5.37 30.54
CA CYS A 91 -14.15 -4.45 31.66
C CYS A 91 -13.99 -5.13 33.00
N ALA A 92 -14.17 -6.43 33.04
CA ALA A 92 -14.02 -7.16 34.30
C ALA A 92 -12.54 -7.45 34.56
N LYS A 93 -11.73 -7.41 33.51
CA LYS A 93 -10.31 -7.68 33.63
C LYS A 93 -9.50 -6.50 34.13
N GLN A 94 -8.34 -6.79 34.71
CA GLN A 94 -7.46 -5.76 35.22
C GLN A 94 -6.47 -5.43 34.09
N GLU A 95 -5.84 -4.27 34.19
CA GLU A 95 -4.88 -3.84 33.20
C GLU A 95 -3.63 -4.68 33.48
N PRO A 96 -2.88 -5.09 32.44
CA PRO A 96 -3.04 -4.88 31.00
C PRO A 96 -3.92 -5.87 30.25
N GLU A 97 -4.51 -6.82 30.99
CA GLU A 97 -5.37 -7.82 30.36
C GLU A 97 -6.54 -7.09 29.73
N ARG A 98 -6.97 -6.02 30.37
CA ARG A 98 -8.08 -5.25 29.88
C ARG A 98 -7.79 -4.64 28.51
N ASN A 99 -6.66 -3.95 28.40
CA ASN A 99 -6.28 -3.33 27.14
C ASN A 99 -6.07 -4.43 26.11
N GLU A 100 -5.39 -5.48 26.55
CA GLU A 100 -5.11 -6.61 25.69
C GLU A 100 -6.42 -7.22 25.21
N CYS A 101 -7.38 -7.33 26.11
CA CYS A 101 -8.67 -7.88 25.79
C CYS A 101 -9.34 -7.01 24.74
N PHE A 102 -9.23 -5.69 24.88
CA PHE A 102 -9.84 -4.81 23.88
C PHE A 102 -9.21 -4.97 22.51
N LEU A 103 -7.89 -5.10 22.46
CA LEU A 103 -7.23 -5.29 21.18
C LEU A 103 -7.82 -6.51 20.44
N GLN A 104 -7.95 -7.63 21.16
CA GLN A 104 -8.46 -8.87 20.57
C GLN A 104 -9.87 -8.76 20.04
N HIS A 105 -10.57 -7.70 20.41
CA HIS A 105 -11.94 -7.55 19.98
C HIS A 105 -12.17 -6.43 19.00
N LYS A 106 -11.08 -5.90 18.46
CA LYS A 106 -11.17 -4.84 17.47
C LYS A 106 -11.45 -5.53 16.14
N ASP A 107 -12.54 -5.16 15.49
CA ASP A 107 -12.95 -5.76 14.22
C ASP A 107 -12.20 -5.16 13.03
N ASP A 108 -11.21 -5.88 12.51
CA ASP A 108 -10.41 -5.42 11.38
C ASP A 108 -11.21 -4.97 10.18
N ASN A 109 -12.45 -5.42 10.07
CA ASN A 109 -13.33 -5.05 8.95
C ASN A 109 -14.79 -5.39 9.25
N PRO A 110 -15.51 -4.47 9.92
CA PRO A 110 -16.92 -4.63 10.30
C PRO A 110 -17.88 -4.68 9.12
N ASN A 111 -19.16 -4.92 9.41
CA ASN A 111 -20.15 -4.99 8.35
C ASN A 111 -20.84 -3.62 8.19
N LEU A 112 -20.05 -2.60 7.91
CA LEU A 112 -20.57 -1.24 7.71
C LEU A 112 -20.84 -0.98 6.23
N PRO A 113 -21.73 -0.03 5.92
CA PRO A 113 -22.10 0.37 4.55
C PRO A 113 -20.99 1.13 3.85
N ARG A 114 -20.83 0.88 2.55
CA ARG A 114 -19.81 1.61 1.81
C ARG A 114 -20.10 3.10 1.97
N LEU A 115 -19.04 3.86 2.20
CA LEU A 115 -19.15 5.31 2.36
C LEU A 115 -19.31 5.90 0.96
N VAL A 116 -20.43 6.56 0.69
CA VAL A 116 -20.58 7.13 -0.65
C VAL A 116 -20.14 8.58 -0.67
N ARG A 117 -19.65 8.99 -1.84
CA ARG A 117 -19.18 10.35 -2.06
C ARG A 117 -20.38 11.18 -2.52
N PRO A 118 -20.74 12.21 -1.74
CA PRO A 118 -21.87 13.10 -2.04
C PRO A 118 -21.57 13.96 -3.26
N GLU A 119 -22.57 14.75 -3.66
CA GLU A 119 -22.43 15.66 -4.77
C GLU A 119 -21.51 16.79 -4.29
N VAL A 120 -20.53 17.16 -5.13
CA VAL A 120 -19.57 18.20 -4.79
C VAL A 120 -20.18 19.44 -4.15
N ASP A 121 -21.36 19.82 -4.63
CA ASP A 121 -22.04 21.00 -4.12
C ASP A 121 -22.54 20.80 -2.70
N VAL A 122 -23.22 19.68 -2.43
CA VAL A 122 -23.71 19.46 -1.09
C VAL A 122 -22.48 19.35 -0.19
N MET A 123 -21.43 18.75 -0.73
CA MET A 123 -20.15 18.58 -0.03
C MET A 123 -19.48 19.90 0.34
N CYS A 124 -19.42 20.84 -0.61
CA CYS A 124 -18.83 22.13 -0.36
C CYS A 124 -19.67 23.01 0.55
N THR A 125 -20.99 22.85 0.49
CA THR A 125 -21.89 23.63 1.33
C THR A 125 -21.84 23.18 2.78
N ALA A 126 -21.69 21.86 2.97
CA ALA A 126 -21.62 21.29 4.29
C ALA A 126 -20.32 21.74 4.92
N PHE A 127 -19.27 21.71 4.11
CA PHE A 127 -17.94 22.11 4.53
C PHE A 127 -17.96 23.56 4.99
N HIS A 128 -18.57 24.41 4.17
CA HIS A 128 -18.68 25.83 4.45
C HIS A 128 -19.50 26.11 5.71
N ASP A 129 -20.70 25.54 5.78
CA ASP A 129 -21.60 25.78 6.89
C ASP A 129 -21.13 25.27 8.25
N ASN A 130 -20.26 24.29 8.27
CA ASN A 130 -19.78 23.76 9.54
C ASN A 130 -18.52 22.94 9.30
N GLU A 131 -17.44 23.65 9.00
CA GLU A 131 -16.16 23.02 8.70
C GLU A 131 -15.79 21.89 9.67
N GLU A 132 -15.82 22.17 10.97
CA GLU A 132 -15.42 21.16 11.92
C GLU A 132 -16.25 19.89 11.99
N THR A 133 -17.56 19.99 12.17
CA THR A 133 -18.33 18.76 12.26
C THR A 133 -18.32 18.02 10.93
N PHE A 134 -18.07 18.74 9.84
CA PHE A 134 -18.01 18.10 8.54
C PHE A 134 -16.76 17.23 8.41
N LEU A 135 -15.61 17.76 8.84
CA LEU A 135 -14.37 16.99 8.76
C LEU A 135 -14.31 15.91 9.83
N LYS A 136 -14.74 16.22 11.05
CA LYS A 136 -14.71 15.25 12.14
C LYS A 136 -15.65 14.09 11.89
N LYS A 137 -16.82 14.35 11.31
CA LYS A 137 -17.72 13.23 11.11
C LYS A 137 -17.13 12.25 10.11
N TYR A 138 -16.43 12.76 9.11
CA TYR A 138 -15.84 11.89 8.12
C TYR A 138 -14.60 11.23 8.67
N LEU A 139 -13.93 11.93 9.57
CA LEU A 139 -12.74 11.37 10.16
C LEU A 139 -13.20 10.13 10.94
N TYR A 140 -14.36 10.25 11.58
CA TYR A 140 -14.97 9.19 12.38
C TYR A 140 -15.36 7.98 11.51
N GLU A 141 -16.07 8.24 10.43
CA GLU A 141 -16.51 7.22 9.49
C GLU A 141 -15.34 6.44 8.89
N ILE A 142 -14.23 7.13 8.61
CA ILE A 142 -13.07 6.46 8.05
C ILE A 142 -12.40 5.64 9.15
N ALA A 143 -12.14 6.27 10.28
CA ALA A 143 -11.48 5.61 11.40
C ALA A 143 -12.16 4.34 11.88
N ARG A 144 -13.49 4.34 11.97
CA ARG A 144 -14.23 3.16 12.43
C ARG A 144 -14.17 2.00 11.41
N ARG A 145 -14.01 2.35 10.13
CA ARG A 145 -13.91 1.34 9.08
C ARG A 145 -12.48 0.80 8.92
N HIS A 146 -11.52 1.48 9.52
CA HIS A 146 -10.12 1.05 9.43
C HIS A 146 -9.44 1.10 10.79
N PRO A 147 -9.90 0.27 11.72
CA PRO A 147 -9.41 0.16 13.11
C PRO A 147 -7.91 0.02 13.27
N TYR A 148 -7.20 -0.33 12.20
CA TYR A 148 -5.77 -0.52 12.31
C TYR A 148 -4.92 0.57 11.68
N PHE A 149 -5.56 1.49 10.99
CA PHE A 149 -4.85 2.58 10.37
C PHE A 149 -4.20 3.42 11.48
N TYR A 150 -2.89 3.64 11.40
CA TYR A 150 -2.23 4.42 12.43
C TYR A 150 -2.87 5.81 12.51
N ALA A 151 -3.43 6.11 13.68
CA ALA A 151 -4.14 7.38 13.91
C ALA A 151 -3.48 8.66 13.44
N PRO A 152 -2.26 8.96 13.92
CA PRO A 152 -1.60 10.19 13.49
C PRO A 152 -1.57 10.35 11.99
N GLU A 153 -1.50 9.23 11.28
CA GLU A 153 -1.44 9.29 9.84
C GLU A 153 -2.78 9.63 9.25
N LEU A 154 -3.84 9.15 9.90
CA LEU A 154 -5.19 9.41 9.47
C LEU A 154 -5.41 10.90 9.64
N LEU A 155 -4.82 11.44 10.70
CA LEU A 155 -4.91 12.86 10.99
C LEU A 155 -4.19 13.65 9.89
N PHE A 156 -3.07 13.12 9.41
CA PHE A 156 -2.28 13.75 8.36
C PHE A 156 -3.13 13.87 7.09
N PHE A 157 -3.90 12.83 6.80
CA PHE A 157 -4.75 12.83 5.63
C PHE A 157 -5.86 13.86 5.76
N ALA A 158 -6.45 13.94 6.94
CA ALA A 158 -7.53 14.87 7.21
C ALA A 158 -7.15 16.28 6.82
N LYS A 159 -5.99 16.72 7.29
CA LYS A 159 -5.51 18.06 6.99
C LYS A 159 -5.35 18.31 5.48
N ARG A 160 -5.08 17.26 4.73
CA ARG A 160 -4.92 17.42 3.28
C ARG A 160 -6.28 17.55 2.66
N TYR A 161 -7.25 16.84 3.25
CA TYR A 161 -8.63 16.91 2.80
C TYR A 161 -9.17 18.32 3.06
N LYS A 162 -8.86 18.85 4.24
CA LYS A 162 -9.30 20.18 4.63
C LYS A 162 -8.78 21.16 3.60
N ALA A 163 -7.51 21.00 3.23
CA ALA A 163 -6.89 21.87 2.26
C ALA A 163 -7.59 21.80 0.91
N ALA A 164 -7.89 20.58 0.47
CA ALA A 164 -8.53 20.38 -0.81
C ALA A 164 -9.89 21.06 -0.89
N PHE A 165 -10.60 21.13 0.23
CA PHE A 165 -11.89 21.78 0.22
C PHE A 165 -11.75 23.30 0.20
N THR A 166 -10.77 23.81 0.94
CA THR A 166 -10.55 25.25 0.96
C THR A 166 -10.25 25.76 -0.44
N GLU A 167 -9.26 25.15 -1.08
CA GLU A 167 -8.85 25.52 -2.42
C GLU A 167 -9.92 25.30 -3.47
N CYS A 168 -10.69 24.23 -3.32
CA CYS A 168 -11.68 23.92 -4.33
C CYS A 168 -13.07 24.48 -4.16
N CYS A 169 -13.55 24.62 -2.94
CA CYS A 169 -14.89 25.15 -2.76
C CYS A 169 -14.93 26.66 -3.02
N GLN A 170 -13.77 27.24 -3.36
CA GLN A 170 -13.65 28.66 -3.67
C GLN A 170 -13.55 28.79 -5.18
N ALA A 171 -13.13 27.71 -5.82
CA ALA A 171 -12.92 27.68 -7.25
C ALA A 171 -14.16 27.91 -8.10
N ALA A 172 -13.91 28.37 -9.31
CA ALA A 172 -14.96 28.63 -10.28
C ALA A 172 -15.63 27.29 -10.55
N ASP A 173 -14.81 26.32 -10.99
CA ASP A 173 -15.32 24.98 -11.26
C ASP A 173 -14.89 24.03 -10.14
N LYS A 174 -15.64 24.08 -9.04
CA LYS A 174 -15.39 23.26 -7.86
C LYS A 174 -15.09 21.79 -8.16
N ALA A 175 -15.92 21.17 -8.98
CA ALA A 175 -15.73 19.76 -9.31
C ALA A 175 -14.40 19.49 -10.01
N ALA A 176 -14.08 20.26 -11.04
CA ALA A 176 -12.84 20.07 -11.78
C ALA A 176 -11.61 20.16 -10.88
N CYS A 177 -11.75 20.90 -9.79
CA CYS A 177 -10.68 21.08 -8.81
C CYS A 177 -10.70 19.96 -7.77
N LEU A 178 -11.85 19.81 -7.11
CA LEU A 178 -12.03 18.84 -6.04
C LEU A 178 -11.97 17.36 -6.39
N LEU A 179 -12.83 16.93 -7.30
CA LEU A 179 -12.88 15.52 -7.69
C LEU A 179 -11.54 14.83 -7.86
N PRO A 180 -10.67 15.35 -8.74
CA PRO A 180 -9.38 14.68 -8.91
C PRO A 180 -8.50 14.67 -7.66
N LYS A 181 -8.63 15.68 -6.80
CA LYS A 181 -7.81 15.69 -5.61
C LYS A 181 -8.36 14.66 -4.64
N LEU A 182 -9.67 14.44 -4.71
CA LEU A 182 -10.31 13.47 -3.84
C LEU A 182 -9.93 12.07 -4.24
N ASP A 183 -9.97 11.78 -5.54
CA ASP A 183 -9.61 10.45 -6.03
C ASP A 183 -8.15 10.18 -5.70
N GLU A 184 -7.32 11.20 -5.80
CA GLU A 184 -5.92 11.02 -5.50
C GLU A 184 -5.74 10.71 -4.02
N LEU A 185 -6.51 11.40 -3.18
CA LEU A 185 -6.45 11.18 -1.74
C LEU A 185 -6.91 9.76 -1.41
N ARG A 186 -7.96 9.29 -2.07
CA ARG A 186 -8.46 7.95 -1.82
C ARG A 186 -7.41 6.87 -2.12
N ASP A 187 -6.78 6.95 -3.29
CA ASP A 187 -5.78 5.97 -3.66
C ASP A 187 -4.60 6.00 -2.73
N GLU A 188 -4.14 7.20 -2.42
CA GLU A 188 -3.02 7.34 -1.53
C GLU A 188 -3.40 6.71 -0.18
N GLY A 189 -4.68 6.83 0.19
CA GLY A 189 -5.16 6.25 1.43
C GLY A 189 -5.21 4.73 1.30
N LYS A 190 -5.73 4.24 0.18
CA LYS A 190 -5.81 2.81 -0.10
C LYS A 190 -4.41 2.17 -0.07
N ALA A 191 -3.44 2.88 -0.65
CA ALA A 191 -2.05 2.42 -0.72
C ALA A 191 -1.40 2.37 0.64
N SER A 192 -1.59 3.40 1.45
CA SER A 192 -0.99 3.42 2.79
C SER A 192 -1.59 2.30 3.62
N SER A 193 -2.90 2.18 3.56
CA SER A 193 -3.59 1.13 4.30
C SER A 193 -3.01 -0.22 3.91
N ALA A 194 -3.07 -0.55 2.62
CA ALA A 194 -2.56 -1.80 2.12
C ALA A 194 -1.11 -2.08 2.51
N LYS A 195 -0.27 -1.06 2.50
CA LYS A 195 1.14 -1.28 2.83
C LYS A 195 1.33 -1.59 4.30
N GLN A 196 0.50 -1.00 5.14
CA GLN A 196 0.62 -1.23 6.59
C GLN A 196 0.27 -2.67 6.93
N ARG A 197 -0.83 -3.14 6.36
CA ARG A 197 -1.29 -4.51 6.60
C ARG A 197 -0.36 -5.51 5.94
N LEU A 198 0.30 -5.08 4.86
CA LEU A 198 1.22 -5.94 4.13
C LEU A 198 2.47 -6.21 4.97
N LYS A 199 3.08 -5.15 5.49
CA LYS A 199 4.28 -5.34 6.29
C LYS A 199 3.98 -6.18 7.53
N CYS A 200 2.80 -5.98 8.11
CA CYS A 200 2.44 -6.74 9.29
C CYS A 200 2.24 -8.21 8.98
N ALA A 201 1.56 -8.49 7.86
CA ALA A 201 1.32 -9.86 7.43
C ALA A 201 2.66 -10.58 7.32
N SER A 202 3.56 -9.96 6.54
CA SER A 202 4.89 -10.48 6.31
C SER A 202 5.64 -10.74 7.61
N LEU A 203 5.52 -9.83 8.57
CA LEU A 203 6.21 -9.99 9.85
C LEU A 203 5.65 -11.21 10.56
N GLN A 204 4.39 -11.52 10.28
CA GLN A 204 3.75 -12.66 10.91
C GLN A 204 4.15 -13.98 10.22
N LYS A 205 3.98 -14.03 8.91
CA LYS A 205 4.32 -15.22 8.15
C LYS A 205 5.81 -15.55 8.11
N PHE A 206 6.61 -14.65 7.54
CA PHE A 206 8.05 -14.88 7.39
C PHE A 206 8.96 -14.59 8.55
N GLY A 207 8.43 -14.06 9.64
CA GLY A 207 9.28 -13.79 10.79
C GLY A 207 10.20 -12.59 10.77
N GLU A 208 10.77 -12.35 11.94
CA GLU A 208 11.67 -11.23 12.17
C GLU A 208 12.86 -11.14 11.20
N ARG A 209 13.62 -12.22 11.08
CA ARG A 209 14.78 -12.23 10.19
C ARG A 209 14.48 -11.61 8.84
N ALA A 210 13.48 -12.12 8.17
CA ALA A 210 13.12 -11.60 6.85
C ALA A 210 12.80 -10.10 6.92
N PHE A 211 12.08 -9.69 7.96
CA PHE A 211 11.75 -8.28 8.08
C PHE A 211 13.03 -7.48 8.22
N LYS A 212 13.88 -7.91 9.14
CA LYS A 212 15.15 -7.24 9.38
C LYS A 212 15.93 -7.06 8.08
N ALA A 213 15.98 -8.11 7.26
CA ALA A 213 16.71 -8.06 6.00
C ALA A 213 16.17 -6.94 5.11
N TRP A 214 14.85 -6.92 4.95
CA TRP A 214 14.18 -5.91 4.16
C TRP A 214 14.58 -4.51 4.65
N ALA A 215 14.66 -4.34 5.96
CA ALA A 215 15.01 -3.04 6.53
C ALA A 215 16.45 -2.62 6.28
N VAL A 216 17.38 -3.54 6.44
CA VAL A 216 18.77 -3.18 6.20
C VAL A 216 18.84 -2.61 4.80
N ALA A 217 18.24 -3.32 3.85
CA ALA A 217 18.25 -2.88 2.47
C ALA A 217 17.61 -1.51 2.33
N ARG A 218 16.41 -1.33 2.85
CA ARG A 218 15.74 -0.05 2.71
C ARG A 218 16.46 1.07 3.43
N LEU A 219 16.89 0.84 4.66
CA LEU A 219 17.58 1.87 5.42
C LEU A 219 18.93 2.25 4.82
N SER A 220 19.55 1.29 4.16
CA SER A 220 20.84 1.53 3.54
C SER A 220 20.73 2.40 2.29
N GLN A 221 19.68 2.19 1.51
CA GLN A 221 19.48 3.00 0.32
C GLN A 221 19.17 4.41 0.77
N ARG A 222 18.45 4.53 1.88
CA ARG A 222 18.04 5.82 2.39
C ARG A 222 19.12 6.59 3.14
N PHE A 223 19.95 5.88 3.91
CA PHE A 223 21.03 6.51 4.67
C PHE A 223 22.35 5.87 4.28
N PRO A 224 22.73 5.97 3.00
CA PRO A 224 23.98 5.39 2.50
C PRO A 224 25.24 5.90 3.20
N LYS A 225 25.19 7.10 3.75
CA LYS A 225 26.36 7.65 4.43
C LYS A 225 26.46 7.25 5.90
N ALA A 226 25.55 6.41 6.37
CA ALA A 226 25.61 5.97 7.77
C ALA A 226 26.45 4.70 7.88
N GLU A 227 27.00 4.44 9.07
CA GLU A 227 27.80 3.24 9.26
C GLU A 227 26.91 2.03 9.54
N PHE A 228 27.37 0.86 9.12
CA PHE A 228 26.63 -0.38 9.32
C PHE A 228 26.13 -0.58 10.75
N ALA A 229 26.89 -0.07 11.71
CA ALA A 229 26.51 -0.21 13.12
C ALA A 229 25.29 0.64 13.44
N GLU A 230 25.20 1.80 12.82
CA GLU A 230 24.06 2.68 13.03
C GLU A 230 22.85 2.04 12.36
N VAL A 231 23.05 1.52 11.16
CA VAL A 231 21.96 0.88 10.44
C VAL A 231 21.45 -0.32 11.22
N SER A 232 22.34 -1.04 11.89
CA SER A 232 21.90 -2.19 12.67
C SER A 232 21.03 -1.67 13.81
N LYS A 233 21.52 -0.65 14.49
CA LYS A 233 20.80 -0.02 15.60
C LYS A 233 19.38 0.28 15.13
N LEU A 234 19.30 1.13 14.11
CA LEU A 234 18.03 1.54 13.55
C LEU A 234 17.15 0.38 13.11
N VAL A 235 17.74 -0.66 12.55
CA VAL A 235 16.97 -1.79 12.09
C VAL A 235 16.38 -2.56 13.25
N THR A 236 17.09 -2.59 14.37
CA THR A 236 16.60 -3.31 15.54
C THR A 236 15.42 -2.56 16.10
N ASP A 237 15.58 -1.25 16.29
CA ASP A 237 14.51 -0.42 16.83
C ASP A 237 13.31 -0.36 15.89
N LEU A 238 13.57 -0.35 14.59
CA LEU A 238 12.49 -0.26 13.63
C LEU A 238 11.67 -1.54 13.72
N THR A 239 12.34 -2.66 13.94
CA THR A 239 11.66 -3.93 14.05
C THR A 239 10.73 -3.93 15.24
N LYS A 240 11.23 -3.44 16.37
CA LYS A 240 10.40 -3.40 17.56
C LYS A 240 9.18 -2.54 17.25
N VAL A 241 9.41 -1.37 16.66
CA VAL A 241 8.34 -0.47 16.30
C VAL A 241 7.26 -1.18 15.52
N HIS A 242 7.61 -1.80 14.40
CA HIS A 242 6.62 -2.50 13.60
C HIS A 242 5.89 -3.63 14.32
N THR A 243 6.62 -4.43 15.09
CA THR A 243 6.00 -5.52 15.83
C THR A 243 4.84 -4.95 16.64
N GLU A 244 5.16 -3.97 17.47
CA GLU A 244 4.19 -3.31 18.31
C GLU A 244 3.15 -2.55 17.52
N CYS A 245 3.56 -1.74 16.56
CA CYS A 245 2.56 -1.03 15.80
C CYS A 245 1.60 -2.00 15.16
N CYS A 246 2.08 -3.18 14.79
CA CYS A 246 1.24 -4.19 14.17
C CYS A 246 0.31 -4.85 15.15
N HIS A 247 0.77 -5.01 16.39
CA HIS A 247 -0.04 -5.62 17.40
C HIS A 247 -1.32 -4.79 17.58
N GLY A 248 -1.27 -3.52 17.18
CA GLY A 248 -2.44 -2.67 17.26
C GLY A 248 -2.55 -1.68 18.42
N ASP A 249 -1.63 -1.73 19.38
CA ASP A 249 -1.71 -0.80 20.50
C ASP A 249 -1.18 0.59 20.14
N LEU A 250 -2.10 1.50 19.82
CA LEU A 250 -1.78 2.87 19.44
C LEU A 250 -0.74 3.56 20.33
N LEU A 251 -0.96 3.59 21.63
CA LEU A 251 -0.03 4.26 22.52
C LEU A 251 1.39 3.73 22.43
N GLU A 252 1.55 2.43 22.64
CA GLU A 252 2.87 1.83 22.58
C GLU A 252 3.52 2.15 21.26
N CYS A 253 2.77 1.92 20.17
CA CYS A 253 3.24 2.18 18.83
C CYS A 253 3.71 3.61 18.68
N ALA A 254 2.96 4.54 19.27
CA ALA A 254 3.30 5.95 19.20
C ALA A 254 4.58 6.26 19.98
N ASP A 255 4.69 5.74 21.19
CA ASP A 255 5.88 5.99 21.99
C ASP A 255 7.10 5.47 21.27
N ASP A 256 7.03 4.24 20.80
CA ASP A 256 8.17 3.66 20.11
C ASP A 256 8.60 4.54 18.94
N ARG A 257 7.64 5.02 18.16
CA ARG A 257 7.92 5.87 17.02
C ARG A 257 8.50 7.21 17.44
N ALA A 258 8.01 7.77 18.53
CA ALA A 258 8.53 9.05 18.99
C ALA A 258 10.00 8.90 19.29
N ASP A 259 10.31 7.93 20.15
CA ASP A 259 11.69 7.68 20.54
C ASP A 259 12.60 7.54 19.32
N LEU A 260 12.27 6.62 18.42
CA LEU A 260 13.09 6.40 17.24
C LEU A 260 13.34 7.68 16.43
N ALA A 261 12.30 8.48 16.25
CA ALA A 261 12.41 9.71 15.49
C ALA A 261 13.34 10.72 16.17
N LYS A 262 13.22 10.84 17.48
CA LYS A 262 14.05 11.79 18.21
C LYS A 262 15.49 11.29 18.25
N TYR A 263 15.65 9.97 18.35
CA TYR A 263 16.98 9.37 18.36
C TYR A 263 17.68 9.69 17.05
N ILE A 264 16.96 9.47 15.97
CA ILE A 264 17.50 9.73 14.65
C ILE A 264 17.89 11.19 14.49
N CYS A 265 17.07 12.10 15.01
CA CYS A 265 17.36 13.53 14.89
C CYS A 265 18.57 13.96 15.69
N GLU A 266 18.80 13.32 16.82
CA GLU A 266 19.95 13.66 17.64
C GLU A 266 21.26 13.23 17.00
N ASN A 267 21.22 12.11 16.28
CA ASN A 267 22.39 11.57 15.60
C ASN A 267 22.30 11.85 14.12
N GLN A 268 21.40 12.77 13.79
CA GLN A 268 21.16 13.19 12.44
C GLN A 268 22.44 13.37 11.61
N ASP A 269 23.42 14.06 12.17
CA ASP A 269 24.68 14.31 11.48
C ASP A 269 25.37 13.03 11.04
N SER A 270 25.21 11.95 11.80
CA SER A 270 25.83 10.67 11.47
C SER A 270 24.86 9.65 10.88
N ILE A 271 23.82 10.13 10.18
CA ILE A 271 22.83 9.25 9.58
C ILE A 271 22.47 9.71 8.16
N SER A 272 22.07 10.96 8.02
CA SER A 272 21.70 11.48 6.70
C SER A 272 21.71 12.99 6.74
N SER A 273 22.02 13.59 5.61
CA SER A 273 22.07 15.05 5.50
C SER A 273 20.75 15.60 5.01
N LYS A 274 19.74 14.75 4.86
CA LYS A 274 18.45 15.19 4.37
C LYS A 274 17.37 15.14 5.44
N LEU A 275 17.77 15.14 6.70
CA LEU A 275 16.84 15.08 7.81
C LEU A 275 16.66 16.42 8.50
N LYS A 276 17.34 17.45 8.00
CA LYS A 276 17.25 18.77 8.63
C LYS A 276 15.81 19.25 8.75
N GLU A 277 15.10 19.31 7.63
CA GLU A 277 13.72 19.78 7.64
C GLU A 277 12.85 18.89 8.55
N CYS A 278 12.84 17.60 8.25
CA CYS A 278 12.08 16.63 9.03
C CYS A 278 12.28 16.76 10.52
N CYS A 279 13.49 17.09 10.94
CA CYS A 279 13.76 17.19 12.37
C CYS A 279 13.34 18.44 13.08
N GLU A 280 13.00 19.47 12.32
CA GLU A 280 12.55 20.72 12.90
C GLU A 280 11.03 20.78 12.91
N LYS A 281 10.39 19.78 12.31
CA LYS A 281 8.93 19.72 12.25
C LYS A 281 8.31 19.35 13.62
N PRO A 282 6.98 19.55 13.77
CA PRO A 282 6.24 19.27 15.00
C PRO A 282 6.25 17.80 15.39
N LEU A 283 6.26 17.55 16.70
CA LEU A 283 6.26 16.22 17.28
C LEU A 283 5.41 15.20 16.52
N LEU A 284 4.28 15.65 16.02
CA LEU A 284 3.35 14.79 15.31
C LEU A 284 3.74 14.49 13.87
N GLU A 285 4.65 15.29 13.32
CA GLU A 285 5.06 15.09 11.93
C GLU A 285 6.48 14.57 11.74
N LYS A 286 7.31 14.69 12.77
CA LYS A 286 8.68 14.20 12.72
C LYS A 286 8.71 12.80 12.10
N SER A 287 8.08 11.85 12.81
CA SER A 287 7.99 10.46 12.40
C SER A 287 7.64 10.28 10.93
N HIS A 288 6.46 10.73 10.56
CA HIS A 288 5.94 10.62 9.21
C HIS A 288 6.94 11.12 8.17
N CYS A 289 7.57 12.25 8.49
CA CYS A 289 8.54 12.89 7.59
C CYS A 289 9.75 11.99 7.38
N ILE A 290 10.42 11.67 8.47
CA ILE A 290 11.59 10.82 8.43
C ILE A 290 11.33 9.53 7.66
N ALA A 291 10.23 8.85 7.96
CA ALA A 291 9.91 7.60 7.28
C ALA A 291 9.81 7.75 5.76
N GLU A 292 9.44 8.92 5.28
CA GLU A 292 9.30 9.14 3.85
C GLU A 292 10.44 9.92 3.19
N VAL A 293 11.47 10.27 3.97
CA VAL A 293 12.59 11.07 3.48
C VAL A 293 13.26 10.57 2.21
N GLU A 294 13.70 11.50 1.37
CA GLU A 294 14.37 11.14 0.13
C GLU A 294 15.72 10.49 0.47
N ASN A 295 16.24 9.66 -0.43
CA ASN A 295 17.53 9.00 -0.19
C ASN A 295 18.65 10.05 -0.16
N ASP A 296 19.56 9.91 0.79
CA ASP A 296 20.67 10.84 0.91
C ASP A 296 21.63 10.56 -0.24
N GLU A 297 22.58 11.48 -0.45
CA GLU A 297 23.57 11.29 -1.51
C GLU A 297 24.55 10.25 -1.00
N MET A 298 24.90 9.29 -1.85
CA MET A 298 25.82 8.24 -1.46
C MET A 298 27.28 8.65 -1.64
N PRO A 299 28.16 8.18 -0.74
CA PRO A 299 29.59 8.48 -0.77
C PRO A 299 30.23 8.16 -2.13
N ALA A 300 31.07 9.07 -2.60
CA ALA A 300 31.74 8.92 -3.90
C ALA A 300 32.91 7.96 -3.85
N ASP A 301 33.74 8.09 -2.81
CA ASP A 301 34.90 7.23 -2.67
C ASP A 301 34.55 5.88 -2.06
N LEU A 302 33.63 5.15 -2.69
CA LEU A 302 33.25 3.86 -2.16
C LEU A 302 33.89 2.67 -2.86
N PRO A 303 34.61 1.83 -2.10
CA PRO A 303 35.29 0.64 -2.58
C PRO A 303 34.39 -0.21 -3.45
N SER A 304 34.96 -1.24 -4.07
CA SER A 304 34.18 -2.14 -4.88
C SER A 304 33.78 -3.25 -3.91
N LEU A 305 32.63 -3.87 -4.16
CA LEU A 305 32.19 -4.93 -3.28
C LEU A 305 33.13 -6.14 -3.29
N ALA A 306 33.39 -6.68 -4.49
CA ALA A 306 34.25 -7.86 -4.66
C ALA A 306 35.50 -7.90 -3.78
N ALA A 307 35.93 -6.74 -3.31
CA ALA A 307 37.10 -6.66 -2.45
C ALA A 307 36.86 -7.50 -1.19
N ASP A 308 35.92 -7.05 -0.36
CA ASP A 308 35.56 -7.71 0.89
C ASP A 308 34.63 -8.92 0.74
N PHE A 309 34.01 -9.10 -0.41
CA PHE A 309 33.08 -10.21 -0.57
C PHE A 309 33.39 -11.28 -1.61
N VAL A 310 34.31 -11.01 -2.52
CA VAL A 310 34.64 -12.02 -3.53
C VAL A 310 36.07 -12.50 -3.38
N GLU A 311 37.01 -11.56 -3.42
CA GLU A 311 38.40 -11.94 -3.29
C GLU A 311 38.72 -12.47 -1.90
N SER A 312 39.12 -11.56 -1.00
CA SER A 312 39.48 -11.90 0.38
C SER A 312 39.30 -13.37 0.75
N LYS A 313 40.33 -13.99 1.31
CA LYS A 313 40.22 -15.40 1.69
C LYS A 313 39.58 -15.58 3.07
N ASP A 314 39.12 -14.48 3.67
CA ASP A 314 38.46 -14.56 4.97
C ASP A 314 36.93 -14.62 4.84
N VAL A 315 36.43 -14.55 3.61
CA VAL A 315 34.99 -14.60 3.36
C VAL A 315 34.32 -15.64 4.25
N CYS A 316 34.58 -16.92 3.98
CA CYS A 316 34.00 -17.99 4.77
C CYS A 316 34.37 -17.89 6.25
N LYS A 317 35.52 -17.30 6.54
CA LYS A 317 35.92 -17.17 7.94
C LYS A 317 34.98 -16.15 8.59
N ASN A 318 34.89 -14.96 8.01
CA ASN A 318 34.03 -13.90 8.53
C ASN A 318 32.57 -14.33 8.52
N TYR A 319 32.20 -15.11 7.51
CA TYR A 319 30.85 -15.58 7.35
C TYR A 319 30.43 -16.59 8.40
N ALA A 320 31.31 -17.52 8.74
CA ALA A 320 30.96 -18.55 9.71
C ALA A 320 30.95 -17.98 11.12
N GLU A 321 31.74 -16.93 11.32
CA GLU A 321 31.85 -16.29 12.61
C GLU A 321 30.55 -15.60 13.05
N ALA A 322 29.71 -15.27 12.07
CA ALA A 322 28.42 -14.60 12.29
C ALA A 322 27.71 -14.49 10.95
N LYS A 323 27.12 -15.58 10.50
CA LYS A 323 26.45 -15.59 9.21
C LYS A 323 25.52 -14.42 8.89
N ASP A 324 24.54 -14.17 9.75
CA ASP A 324 23.61 -13.08 9.47
C ASP A 324 24.24 -11.71 9.48
N VAL A 325 25.19 -11.49 10.37
CA VAL A 325 25.84 -10.20 10.40
C VAL A 325 26.57 -9.95 9.07
N PHE A 326 27.35 -10.94 8.66
CA PHE A 326 28.12 -10.86 7.43
C PHE A 326 27.16 -10.57 6.26
N LEU A 327 26.10 -11.36 6.16
CA LEU A 327 25.14 -11.14 5.08
C LEU A 327 24.47 -9.77 5.22
N GLY A 328 24.26 -9.34 6.46
CA GLY A 328 23.66 -8.05 6.67
C GLY A 328 24.61 -7.01 6.10
N MET A 329 25.90 -7.19 6.36
CA MET A 329 26.91 -6.27 5.85
C MET A 329 26.92 -6.27 4.33
N PHE A 330 26.77 -7.45 3.75
CA PHE A 330 26.75 -7.54 2.30
C PHE A 330 25.58 -6.70 1.82
N LEU A 331 24.42 -6.92 2.42
CA LEU A 331 23.19 -6.21 2.07
C LEU A 331 23.38 -4.71 2.22
N TYR A 332 23.92 -4.31 3.36
CA TYR A 332 24.15 -2.91 3.61
C TYR A 332 25.03 -2.35 2.48
N GLU A 333 26.14 -3.02 2.23
CA GLU A 333 27.05 -2.57 1.21
C GLU A 333 26.42 -2.49 -0.18
N TYR A 334 25.69 -3.53 -0.56
CA TYR A 334 25.08 -3.52 -1.87
C TYR A 334 23.91 -2.52 -2.00
N ALA A 335 23.05 -2.48 -0.98
CA ALA A 335 21.89 -1.61 -0.97
C ALA A 335 22.24 -0.13 -1.09
N ARG A 336 23.26 0.29 -0.35
CA ARG A 336 23.61 1.71 -0.37
C ARG A 336 24.27 2.21 -1.63
N ARG A 337 24.61 1.30 -2.53
CA ARG A 337 25.22 1.71 -3.77
C ARG A 337 24.19 1.57 -4.86
N HIS A 338 23.01 1.13 -4.46
CA HIS A 338 21.93 0.94 -5.42
C HIS A 338 20.58 1.42 -4.99
N PRO A 339 20.37 2.74 -4.94
CA PRO A 339 19.08 3.29 -4.56
C PRO A 339 18.13 2.96 -5.69
N ASP A 340 18.70 2.63 -6.84
CA ASP A 340 17.93 2.32 -8.04
C ASP A 340 17.39 0.90 -8.13
N TYR A 341 17.77 0.05 -7.18
CA TYR A 341 17.28 -1.34 -7.16
C TYR A 341 16.06 -1.39 -6.25
N SER A 342 15.16 -2.33 -6.54
CA SER A 342 13.98 -2.51 -5.70
C SER A 342 14.52 -3.28 -4.49
N VAL A 343 13.94 -3.06 -3.31
CA VAL A 343 14.39 -3.76 -2.12
C VAL A 343 14.38 -5.28 -2.30
N VAL A 344 13.33 -5.78 -2.92
CA VAL A 344 13.24 -7.21 -3.11
C VAL A 344 14.34 -7.71 -4.07
N LEU A 345 14.81 -6.86 -4.98
CA LEU A 345 15.88 -7.29 -5.88
C LEU A 345 17.12 -7.47 -5.04
N LEU A 346 17.32 -6.54 -4.13
CA LEU A 346 18.47 -6.61 -3.26
C LEU A 346 18.41 -7.89 -2.42
N LEU A 347 17.22 -8.23 -1.96
CA LEU A 347 17.07 -9.43 -1.16
C LEU A 347 17.43 -10.66 -1.97
N ARG A 348 17.00 -10.70 -3.23
CA ARG A 348 17.31 -11.83 -4.11
C ARG A 348 18.82 -12.02 -4.29
N LEU A 349 19.55 -10.92 -4.36
CA LEU A 349 21.00 -11.00 -4.51
C LEU A 349 21.57 -11.58 -3.23
N ALA A 350 21.20 -10.99 -2.09
CA ALA A 350 21.67 -11.46 -0.80
C ALA A 350 21.37 -12.96 -0.65
N LYS A 351 20.17 -13.35 -1.04
CA LYS A 351 19.75 -14.74 -0.96
C LYS A 351 20.71 -15.58 -1.81
N THR A 352 20.94 -15.15 -3.05
CA THR A 352 21.83 -15.83 -3.97
C THR A 352 23.24 -15.96 -3.41
N TYR A 353 23.74 -14.86 -2.84
CA TYR A 353 25.07 -14.86 -2.25
C TYR A 353 25.13 -15.90 -1.12
N GLU A 354 24.13 -15.89 -0.25
CA GLU A 354 24.04 -16.82 0.87
C GLU A 354 24.13 -18.27 0.38
N THR A 355 23.27 -18.62 -0.58
CA THR A 355 23.26 -19.97 -1.12
C THR A 355 24.67 -20.36 -1.58
N THR A 356 25.30 -19.47 -2.35
CA THR A 356 26.64 -19.74 -2.82
C THR A 356 27.55 -20.05 -1.66
N LEU A 357 27.65 -19.15 -0.69
CA LEU A 357 28.52 -19.38 0.46
C LEU A 357 28.23 -20.70 1.19
N GLU A 358 26.96 -21.10 1.24
CA GLU A 358 26.61 -22.35 1.89
C GLU A 358 27.23 -23.51 1.11
N LYS A 359 26.99 -23.56 -0.20
CA LYS A 359 27.55 -24.61 -1.04
C LYS A 359 29.08 -24.52 -1.05
N CYS A 360 29.60 -23.35 -1.37
CA CYS A 360 31.03 -23.11 -1.48
C CYS A 360 31.93 -23.24 -0.27
N CYS A 361 31.55 -22.65 0.86
CA CYS A 361 32.40 -22.74 2.03
C CYS A 361 32.56 -24.18 2.51
N ALA A 362 31.87 -25.09 1.84
CA ALA A 362 31.94 -26.51 2.17
C ALA A 362 32.65 -27.23 1.03
N ALA A 363 33.62 -26.55 0.43
CA ALA A 363 34.38 -27.10 -0.68
C ALA A 363 35.86 -26.80 -0.50
N ALA A 364 36.69 -27.73 -0.98
CA ALA A 364 38.14 -27.62 -0.89
C ALA A 364 38.67 -26.20 -1.02
N ASP A 365 38.64 -25.67 -2.24
CA ASP A 365 39.12 -24.32 -2.50
C ASP A 365 37.93 -23.37 -2.54
N PRO A 366 37.58 -22.77 -1.39
CA PRO A 366 36.47 -21.82 -1.31
C PRO A 366 36.52 -20.77 -2.40
N HIS A 367 37.56 -19.94 -2.36
CA HIS A 367 37.74 -18.86 -3.32
C HIS A 367 37.40 -19.23 -4.75
N GLU A 368 37.87 -20.38 -5.22
CA GLU A 368 37.60 -20.80 -6.58
C GLU A 368 36.12 -21.09 -6.81
N CYS A 369 35.50 -21.70 -5.81
CA CYS A 369 34.09 -22.08 -5.84
C CYS A 369 33.11 -20.91 -5.90
N TYR A 370 33.37 -19.90 -5.09
CA TYR A 370 32.47 -18.74 -5.02
C TYR A 370 32.96 -17.52 -5.78
N ALA A 371 34.10 -17.65 -6.45
CA ALA A 371 34.70 -16.54 -7.20
C ALA A 371 33.86 -15.98 -8.33
N LYS A 372 33.06 -16.82 -8.96
CA LYS A 372 32.24 -16.35 -10.08
C LYS A 372 30.76 -16.16 -9.68
N VAL A 373 30.53 -15.48 -8.56
CA VAL A 373 29.16 -15.27 -8.08
C VAL A 373 28.55 -13.96 -8.60
N PHE A 374 29.31 -12.88 -8.53
CA PHE A 374 28.81 -11.59 -9.01
C PHE A 374 28.29 -11.72 -10.43
N ASP A 375 28.65 -12.82 -11.09
CA ASP A 375 28.21 -13.06 -12.45
C ASP A 375 26.84 -13.68 -12.43
N GLU A 376 26.52 -14.36 -11.33
CA GLU A 376 25.21 -14.98 -11.19
C GLU A 376 24.18 -13.90 -10.91
N PHE A 377 24.64 -12.74 -10.46
CA PHE A 377 23.76 -11.62 -10.18
C PHE A 377 23.20 -11.02 -11.48
N LYS A 378 24.08 -10.77 -12.45
CA LYS A 378 23.71 -10.16 -13.73
C LYS A 378 22.29 -10.47 -14.21
N PRO A 379 21.99 -11.75 -14.48
CA PRO A 379 20.65 -12.09 -14.94
C PRO A 379 19.51 -11.70 -13.99
N LEU A 380 19.80 -11.65 -12.70
CA LEU A 380 18.80 -11.30 -11.69
C LEU A 380 18.41 -9.83 -11.74
N VAL A 381 19.42 -8.98 -11.90
CA VAL A 381 19.25 -7.54 -11.99
C VAL A 381 18.56 -7.11 -13.28
N GLU A 382 18.99 -7.69 -14.40
CA GLU A 382 18.46 -7.35 -15.73
C GLU A 382 16.99 -7.68 -15.95
N GLU A 383 16.56 -8.80 -15.39
CA GLU A 383 15.18 -9.25 -15.52
C GLU A 383 14.21 -8.11 -15.20
N PRO A 384 14.26 -7.58 -13.96
CA PRO A 384 13.38 -6.48 -13.59
C PRO A 384 13.58 -5.22 -14.44
N GLN A 385 14.82 -4.92 -14.78
CA GLN A 385 15.09 -3.75 -15.61
C GLN A 385 14.45 -3.91 -17.00
N ASN A 386 14.68 -5.04 -17.65
CA ASN A 386 14.11 -5.25 -18.97
C ASN A 386 12.59 -5.06 -18.96
N LEU A 387 11.89 -5.68 -18.00
CA LEU A 387 10.43 -5.55 -17.92
C LEU A 387 10.02 -4.09 -17.82
N ILE A 388 10.79 -3.30 -17.08
CA ILE A 388 10.50 -1.88 -16.92
C ILE A 388 10.56 -1.15 -18.26
N LYS A 389 11.75 -1.08 -18.84
CA LYS A 389 11.94 -0.40 -20.12
C LYS A 389 10.96 -0.90 -21.17
N GLN A 390 10.78 -2.21 -21.22
CA GLN A 390 9.86 -2.80 -22.18
C GLN A 390 8.41 -2.33 -21.96
N ASN A 391 7.92 -2.45 -20.73
CA ASN A 391 6.55 -2.03 -20.44
C ASN A 391 6.37 -0.51 -20.46
N CYS A 392 7.40 0.23 -20.04
CA CYS A 392 7.29 1.67 -20.05
C CYS A 392 7.27 2.20 -21.47
N GLU A 393 7.99 1.55 -22.38
CA GLU A 393 7.99 1.99 -23.77
C GLU A 393 6.56 1.86 -24.29
N LEU A 394 6.03 0.64 -24.24
CA LEU A 394 4.68 0.34 -24.70
C LEU A 394 3.65 1.33 -24.16
N PHE A 395 3.76 1.66 -22.89
CA PHE A 395 2.84 2.61 -22.31
C PHE A 395 3.02 3.99 -22.93
N GLU A 396 4.24 4.33 -23.36
CA GLU A 396 4.51 5.62 -23.97
C GLU A 396 3.84 5.69 -25.34
N GLN A 397 3.82 4.56 -26.03
CA GLN A 397 3.17 4.48 -27.34
C GLN A 397 1.69 4.75 -27.13
N LEU A 398 0.93 3.69 -26.84
CA LEU A 398 -0.50 3.80 -26.60
C LEU A 398 -0.65 4.60 -25.33
N GLY A 399 -1.86 5.05 -25.03
CA GLY A 399 -2.06 5.81 -23.80
C GLY A 399 -2.28 4.87 -22.63
N GLU A 400 -2.58 5.42 -21.46
CA GLU A 400 -2.85 4.57 -20.30
C GLU A 400 -3.91 3.58 -20.71
N TYR A 401 -5.06 4.11 -21.14
CA TYR A 401 -6.17 3.32 -21.58
C TYR A 401 -5.78 2.20 -22.52
N LYS A 402 -5.24 2.56 -23.69
CA LYS A 402 -4.85 1.56 -24.67
C LYS A 402 -3.82 0.61 -24.09
N PHE A 403 -2.99 1.13 -23.19
CA PHE A 403 -1.97 0.32 -22.54
C PHE A 403 -2.64 -0.66 -21.57
N GLN A 404 -3.77 -0.24 -21.00
CA GLN A 404 -4.48 -1.10 -20.07
C GLN A 404 -5.14 -2.26 -20.81
N ASN A 405 -5.53 -2.02 -22.04
CA ASN A 405 -6.17 -3.05 -22.83
C ASN A 405 -5.20 -4.18 -23.21
N ALA A 406 -3.95 -3.80 -23.49
CA ALA A 406 -2.92 -4.77 -23.83
C ALA A 406 -2.69 -5.69 -22.64
N LEU A 407 -2.61 -5.09 -21.45
CA LEU A 407 -2.43 -5.86 -20.22
C LEU A 407 -3.65 -6.73 -20.00
N LEU A 408 -4.78 -6.24 -20.47
CA LEU A 408 -6.03 -6.94 -20.33
C LEU A 408 -5.98 -8.21 -21.15
N VAL A 409 -5.61 -8.10 -22.42
CA VAL A 409 -5.51 -9.29 -23.25
C VAL A 409 -4.43 -10.23 -22.72
N ARG A 410 -3.27 -9.67 -22.40
CA ARG A 410 -2.14 -10.44 -21.91
C ARG A 410 -2.41 -11.37 -20.74
N TYR A 411 -3.13 -10.88 -19.74
CA TYR A 411 -3.41 -11.70 -18.58
C TYR A 411 -4.67 -12.58 -18.66
N THR A 412 -5.65 -12.13 -19.42
CA THR A 412 -6.86 -12.93 -19.55
C THR A 412 -6.41 -14.27 -20.14
N LYS A 413 -5.42 -14.19 -21.02
CA LYS A 413 -4.87 -15.36 -21.66
C LYS A 413 -4.11 -16.22 -20.67
N LYS A 414 -3.31 -15.60 -19.82
CA LYS A 414 -2.56 -16.34 -18.85
C LYS A 414 -3.45 -17.01 -17.81
N VAL A 415 -4.42 -16.27 -17.28
CA VAL A 415 -5.31 -16.82 -16.27
C VAL A 415 -6.77 -16.54 -16.58
N PRO A 416 -7.34 -17.27 -17.55
CA PRO A 416 -8.73 -17.15 -18.01
C PRO A 416 -9.78 -17.56 -16.98
N GLN A 417 -9.35 -18.28 -15.96
CA GLN A 417 -10.25 -18.76 -14.90
C GLN A 417 -10.73 -17.60 -14.04
N VAL A 418 -9.86 -16.61 -13.81
CA VAL A 418 -10.22 -15.46 -13.00
C VAL A 418 -11.46 -14.80 -13.55
N SER A 419 -12.21 -14.12 -12.69
CA SER A 419 -13.43 -13.45 -13.09
C SER A 419 -13.12 -12.21 -13.90
N THR A 420 -14.00 -11.91 -14.86
CA THR A 420 -13.85 -10.77 -15.73
C THR A 420 -13.74 -9.46 -14.96
N PRO A 421 -14.55 -9.28 -13.93
CA PRO A 421 -14.43 -8.02 -13.19
C PRO A 421 -13.09 -7.91 -12.49
N THR A 422 -12.62 -9.00 -11.92
CA THR A 422 -11.32 -8.99 -11.24
C THR A 422 -10.20 -8.64 -12.22
N LEU A 423 -10.24 -9.26 -13.39
CA LEU A 423 -9.25 -9.01 -14.42
C LEU A 423 -9.24 -7.54 -14.84
N VAL A 424 -10.43 -6.95 -14.94
CA VAL A 424 -10.55 -5.55 -15.35
C VAL A 424 -9.93 -4.60 -14.35
N GLU A 425 -10.21 -4.85 -13.07
CA GLU A 425 -9.69 -4.03 -11.98
C GLU A 425 -8.17 -4.11 -11.81
N VAL A 426 -7.66 -5.34 -11.81
CA VAL A 426 -6.23 -5.57 -11.65
C VAL A 426 -5.46 -4.92 -12.79
N SER A 427 -5.95 -5.13 -14.01
CA SER A 427 -5.31 -4.56 -15.20
C SER A 427 -5.34 -3.04 -15.17
N ARG A 428 -6.44 -2.47 -14.69
CA ARG A 428 -6.52 -1.03 -14.63
C ARG A 428 -5.50 -0.49 -13.63
N ASN A 429 -5.41 -1.09 -12.45
CA ASN A 429 -4.45 -0.60 -11.47
C ASN A 429 -3.03 -0.83 -11.92
N LEU A 430 -2.81 -1.89 -12.68
CA LEU A 430 -1.48 -2.18 -13.19
C LEU A 430 -1.11 -1.09 -14.19
N GLY A 431 -2.09 -0.69 -14.99
CA GLY A 431 -1.86 0.35 -15.96
C GLY A 431 -1.45 1.64 -15.28
N LYS A 432 -2.15 1.98 -14.21
CA LYS A 432 -1.83 3.20 -13.48
C LYS A 432 -0.41 3.19 -12.96
N VAL A 433 0.07 2.02 -12.54
CA VAL A 433 1.44 1.95 -12.06
C VAL A 433 2.33 2.41 -13.21
N GLY A 434 1.95 2.05 -14.42
CA GLY A 434 2.72 2.44 -15.59
C GLY A 434 2.80 3.94 -15.78
N SER A 435 1.67 4.63 -15.57
CA SER A 435 1.64 6.09 -15.74
C SER A 435 2.14 6.88 -14.53
N LYS A 436 2.36 6.20 -13.42
CA LYS A 436 2.85 6.87 -12.21
C LYS A 436 4.35 6.69 -12.06
N CYS A 437 4.88 5.63 -12.68
CA CYS A 437 6.30 5.31 -12.56
C CYS A 437 7.12 5.59 -13.80
N CYS A 438 6.56 5.26 -14.97
CA CYS A 438 7.28 5.46 -16.21
C CYS A 438 7.66 6.92 -16.47
N LYS A 439 7.08 7.84 -15.72
CA LYS A 439 7.42 9.22 -15.93
C LYS A 439 8.69 9.64 -15.18
N HIS A 440 9.20 8.77 -14.32
CA HIS A 440 10.44 9.07 -13.59
C HIS A 440 11.66 8.65 -14.40
N PRO A 441 12.83 9.22 -14.08
CA PRO A 441 14.03 8.83 -14.82
C PRO A 441 14.31 7.40 -14.38
N GLU A 442 14.95 6.64 -15.25
CA GLU A 442 15.28 5.26 -14.97
C GLU A 442 15.68 4.95 -13.52
N ALA A 443 16.66 5.67 -12.98
CA ALA A 443 17.14 5.44 -11.62
C ALA A 443 16.09 5.31 -10.52
N LYS A 444 14.86 5.74 -10.78
CA LYS A 444 13.82 5.68 -9.75
C LYS A 444 12.65 4.76 -10.13
N ARG A 445 12.65 4.27 -11.35
CA ARG A 445 11.57 3.42 -11.81
C ARG A 445 11.34 2.15 -11.01
N MET A 446 12.37 1.31 -10.91
CA MET A 446 12.25 0.05 -10.21
C MET A 446 11.72 0.17 -8.79
N PRO A 447 12.19 1.17 -8.03
CA PRO A 447 11.72 1.33 -6.66
C PRO A 447 10.24 1.67 -6.68
N CYS A 448 9.86 2.49 -7.64
CA CYS A 448 8.48 2.91 -7.81
C CYS A 448 7.60 1.71 -8.12
N ALA A 449 7.96 0.98 -9.16
CA ALA A 449 7.19 -0.20 -9.54
C ALA A 449 7.02 -1.14 -8.34
N GLU A 450 8.10 -1.42 -7.63
CA GLU A 450 8.06 -2.29 -6.48
C GLU A 450 7.00 -1.90 -5.47
N ASP A 451 6.99 -0.62 -5.12
CA ASP A 451 6.07 -0.11 -4.15
C ASP A 451 4.61 -0.20 -4.59
N TYR A 452 4.36 0.14 -5.85
CA TYR A 452 2.97 0.10 -6.33
C TYR A 452 2.53 -1.30 -6.70
N LEU A 453 3.48 -2.10 -7.17
CA LEU A 453 3.19 -3.45 -7.56
C LEU A 453 2.88 -4.32 -6.36
N SER A 454 3.60 -4.09 -5.26
CA SER A 454 3.40 -4.86 -4.04
C SER A 454 1.96 -4.77 -3.51
N VAL A 455 1.42 -3.56 -3.52
CA VAL A 455 0.06 -3.36 -3.04
C VAL A 455 -0.96 -4.02 -3.97
N VAL A 456 -0.85 -3.76 -5.27
CA VAL A 456 -1.75 -4.33 -6.27
C VAL A 456 -1.72 -5.87 -6.26
N LEU A 457 -0.55 -6.43 -5.98
CA LEU A 457 -0.37 -7.87 -5.96
C LEU A 457 -0.96 -8.50 -4.71
N ASN A 458 -1.05 -7.71 -3.65
CA ASN A 458 -1.63 -8.22 -2.42
C ASN A 458 -3.13 -8.20 -2.59
N GLN A 459 -3.64 -7.10 -3.12
CA GLN A 459 -5.07 -6.98 -3.35
C GLN A 459 -5.50 -8.17 -4.20
N LEU A 460 -4.71 -8.44 -5.23
CA LEU A 460 -4.98 -9.53 -6.14
C LEU A 460 -5.06 -10.86 -5.38
N CYS A 461 -4.05 -11.12 -4.55
CA CYS A 461 -3.99 -12.38 -3.79
C CYS A 461 -5.11 -12.55 -2.78
N VAL A 462 -5.53 -11.45 -2.18
CA VAL A 462 -6.61 -11.48 -1.21
C VAL A 462 -7.89 -11.96 -1.90
N LEU A 463 -8.34 -11.19 -2.90
CA LEU A 463 -9.53 -11.54 -3.66
C LEU A 463 -9.48 -13.02 -4.00
N HIS A 464 -8.28 -13.51 -4.30
CA HIS A 464 -8.10 -14.89 -4.67
C HIS A 464 -8.16 -15.82 -3.47
N GLU A 465 -7.73 -15.32 -2.31
CA GLU A 465 -7.78 -16.14 -1.11
C GLU A 465 -9.24 -16.50 -0.91
N LYS A 466 -10.09 -15.49 -0.98
CA LYS A 466 -11.53 -15.68 -0.81
C LYS A 466 -12.10 -16.67 -1.82
N THR A 467 -11.89 -16.41 -3.10
CA THR A 467 -12.42 -17.29 -4.13
C THR A 467 -11.37 -17.96 -5.01
N PRO A 468 -10.58 -18.87 -4.43
CA PRO A 468 -9.54 -19.56 -5.20
C PRO A 468 -10.07 -20.02 -6.55
N VAL A 469 -9.32 -19.72 -7.61
CA VAL A 469 -9.73 -20.06 -8.96
C VAL A 469 -8.61 -20.70 -9.79
N SER A 470 -7.38 -20.61 -9.29
CA SER A 470 -6.23 -21.19 -9.99
C SER A 470 -5.11 -21.58 -9.05
N ASP A 471 -4.57 -22.77 -9.26
CA ASP A 471 -3.46 -23.28 -8.46
C ASP A 471 -2.22 -22.41 -8.70
N ARG A 472 -2.00 -22.05 -9.96
CA ARG A 472 -0.86 -21.23 -10.34
C ARG A 472 -0.87 -19.89 -9.59
N VAL A 473 -2.03 -19.25 -9.53
CA VAL A 473 -2.19 -17.97 -8.85
C VAL A 473 -1.93 -18.12 -7.36
N THR A 474 -2.37 -19.25 -6.80
CA THR A 474 -2.19 -19.53 -5.39
C THR A 474 -0.73 -19.85 -5.08
N LYS A 475 0.00 -20.38 -6.07
CA LYS A 475 1.42 -20.68 -5.85
C LYS A 475 2.15 -19.35 -5.72
N CYS A 476 1.94 -18.48 -6.70
CA CYS A 476 2.57 -17.18 -6.70
C CYS A 476 2.23 -16.40 -5.45
N CYS A 477 0.97 -16.48 -5.05
CA CYS A 477 0.51 -15.78 -3.86
C CYS A 477 1.08 -16.29 -2.55
N THR A 478 1.34 -17.59 -2.46
CA THR A 478 1.89 -18.16 -1.23
C THR A 478 3.41 -18.31 -1.28
N GLU A 479 4.00 -18.15 -2.45
CA GLU A 479 5.45 -18.26 -2.63
C GLU A 479 6.15 -17.20 -1.75
N SER A 480 7.47 -17.17 -1.80
CA SER A 480 8.24 -16.18 -1.03
C SER A 480 7.92 -14.76 -1.50
N LEU A 481 7.70 -13.85 -0.56
CA LEU A 481 7.39 -12.47 -0.91
C LEU A 481 8.44 -11.89 -1.87
N VAL A 482 9.65 -12.45 -1.83
CA VAL A 482 10.72 -11.98 -2.71
C VAL A 482 10.58 -12.61 -4.09
N ASN A 483 9.77 -13.66 -4.17
CA ASN A 483 9.54 -14.38 -5.42
C ASN A 483 8.12 -14.16 -5.92
N ARG A 484 7.36 -13.34 -5.22
CA ARG A 484 5.98 -13.12 -5.62
C ARG A 484 5.85 -12.55 -7.03
N ARG A 485 6.48 -11.41 -7.28
CA ARG A 485 6.39 -10.78 -8.58
C ARG A 485 7.00 -11.63 -9.70
N PRO A 486 8.19 -12.21 -9.48
CA PRO A 486 8.81 -13.04 -10.52
C PRO A 486 7.88 -14.19 -10.89
N CYS A 487 7.23 -14.76 -9.89
CA CYS A 487 6.30 -15.88 -10.09
C CYS A 487 5.17 -15.51 -11.05
N PHE A 488 4.64 -14.30 -10.89
CA PHE A 488 3.57 -13.81 -11.74
C PHE A 488 4.10 -13.49 -13.12
N SER A 489 5.35 -13.02 -13.17
CA SER A 489 5.99 -12.69 -14.43
C SER A 489 6.25 -13.93 -15.27
N ALA A 490 6.39 -15.07 -14.60
CA ALA A 490 6.68 -16.34 -15.28
C ALA A 490 5.46 -17.17 -15.73
N LEU A 491 4.27 -16.58 -15.65
CA LEU A 491 3.07 -17.26 -16.09
C LEU A 491 2.99 -17.17 -17.60
N GLU A 492 2.63 -18.27 -18.25
CA GLU A 492 2.49 -18.31 -19.70
C GLU A 492 1.04 -18.58 -20.02
N VAL A 493 0.69 -18.39 -21.28
CA VAL A 493 -0.68 -18.61 -21.74
C VAL A 493 -1.20 -19.95 -21.22
N ASP A 494 -2.49 -20.01 -20.92
CA ASP A 494 -3.09 -21.23 -20.43
C ASP A 494 -3.52 -22.09 -21.61
N GLU A 495 -2.79 -23.19 -21.83
CA GLU A 495 -3.07 -24.11 -22.94
C GLU A 495 -4.29 -24.97 -22.64
N THR A 496 -4.45 -25.33 -21.37
CA THR A 496 -5.56 -26.17 -20.92
C THR A 496 -6.93 -25.54 -21.07
N TYR A 497 -7.04 -24.25 -20.79
CA TYR A 497 -8.32 -23.54 -20.84
C TYR A 497 -9.23 -23.83 -22.04
N VAL A 498 -10.49 -24.10 -21.72
CA VAL A 498 -11.51 -24.35 -22.73
C VAL A 498 -12.40 -23.10 -22.75
N PRO A 499 -12.46 -22.41 -23.89
CA PRO A 499 -13.25 -21.19 -24.07
C PRO A 499 -14.69 -21.20 -23.57
N LYS A 500 -15.08 -20.09 -22.95
CA LYS A 500 -16.44 -19.94 -22.44
C LYS A 500 -17.40 -20.05 -23.61
N GLU A 501 -18.49 -20.77 -23.40
CA GLU A 501 -19.49 -20.95 -24.45
C GLU A 501 -19.93 -19.55 -24.87
N PHE A 502 -20.06 -19.31 -26.16
CA PHE A 502 -20.49 -18.01 -26.65
C PHE A 502 -21.82 -17.58 -26.05
N ASN A 503 -21.96 -16.28 -25.79
CA ASN A 503 -23.19 -15.75 -25.23
C ASN A 503 -23.56 -14.44 -25.91
N ALA A 504 -24.72 -14.41 -26.55
CA ALA A 504 -25.20 -13.24 -27.27
C ALA A 504 -25.27 -11.98 -26.42
N GLU A 505 -25.96 -12.07 -25.29
CA GLU A 505 -26.11 -10.92 -24.39
C GLU A 505 -24.76 -10.28 -24.09
N THR A 506 -23.79 -11.09 -23.72
CA THR A 506 -22.44 -10.62 -23.38
C THR A 506 -21.82 -9.66 -24.39
N PHE A 507 -22.30 -9.68 -25.64
CA PHE A 507 -21.74 -8.78 -26.64
C PHE A 507 -22.74 -7.79 -27.24
N THR A 508 -23.88 -7.64 -26.59
CA THR A 508 -24.88 -6.70 -27.07
C THR A 508 -24.67 -5.33 -26.43
N PHE A 509 -24.74 -4.27 -27.22
CA PHE A 509 -24.54 -2.91 -26.73
C PHE A 509 -25.69 -1.97 -27.08
N HIS A 510 -26.13 -1.20 -26.09
CA HIS A 510 -27.22 -0.25 -26.29
C HIS A 510 -26.72 1.19 -26.27
N ALA A 511 -27.62 2.12 -26.54
CA ALA A 511 -27.29 3.54 -26.58
C ALA A 511 -26.83 4.09 -25.25
N ASP A 512 -27.19 3.42 -24.16
CA ASP A 512 -26.80 3.87 -22.83
C ASP A 512 -25.28 4.06 -22.76
N ILE A 513 -24.57 3.38 -23.63
CA ILE A 513 -23.11 3.46 -23.68
C ILE A 513 -22.61 4.85 -24.07
N CYS A 514 -23.41 5.58 -24.83
CA CYS A 514 -23.01 6.91 -25.29
C CYS A 514 -23.11 7.99 -24.20
N THR A 515 -23.97 7.77 -23.21
CA THR A 515 -24.16 8.75 -22.14
C THR A 515 -23.29 8.54 -20.90
N LEU A 516 -22.82 7.31 -20.69
CA LEU A 516 -21.99 7.00 -19.53
C LEU A 516 -20.70 7.81 -19.55
N SER A 517 -20.06 7.92 -18.39
CA SER A 517 -18.82 8.67 -18.26
C SER A 517 -17.66 7.87 -18.82
N GLU A 518 -16.56 8.55 -19.13
CA GLU A 518 -15.40 7.84 -19.66
C GLU A 518 -15.17 6.59 -18.81
N LYS A 519 -14.89 6.80 -17.54
CA LYS A 519 -14.66 5.71 -16.60
C LYS A 519 -15.59 4.54 -16.90
N GLU A 520 -16.88 4.85 -16.98
CA GLU A 520 -17.92 3.85 -17.26
C GLU A 520 -17.80 3.21 -18.63
N GLU A 521 -17.68 4.04 -19.68
CA GLU A 521 -17.58 3.53 -21.06
C GLU A 521 -16.43 2.56 -21.21
N GLN A 522 -15.29 2.92 -20.62
CA GLN A 522 -14.08 2.11 -20.68
C GLN A 522 -14.29 0.78 -19.99
N ILE A 523 -14.79 0.81 -18.77
CA ILE A 523 -15.04 -0.42 -18.05
C ILE A 523 -16.04 -1.26 -18.83
N LYS A 524 -16.92 -0.60 -19.57
CA LYS A 524 -17.91 -1.33 -20.35
C LYS A 524 -17.21 -2.03 -21.50
N LYS A 525 -16.30 -1.32 -22.15
CA LYS A 525 -15.56 -1.86 -23.27
C LYS A 525 -14.55 -2.91 -22.84
N GLN A 526 -13.83 -2.60 -21.76
CA GLN A 526 -12.82 -3.52 -21.23
C GLN A 526 -13.44 -4.81 -20.71
N THR A 527 -14.71 -4.77 -20.35
CA THR A 527 -15.37 -5.96 -19.83
C THR A 527 -15.71 -6.88 -20.97
N ALA A 528 -16.12 -6.29 -22.09
CA ALA A 528 -16.46 -7.07 -23.25
C ALA A 528 -15.17 -7.74 -23.76
N LEU A 529 -14.10 -6.95 -23.76
CA LEU A 529 -12.80 -7.43 -24.21
C LEU A 529 -12.36 -8.70 -23.50
N VAL A 530 -12.36 -8.67 -22.17
CA VAL A 530 -11.96 -9.84 -21.40
C VAL A 530 -12.86 -11.01 -21.82
N GLU A 531 -14.16 -10.74 -21.88
CA GLU A 531 -15.12 -11.77 -22.28
C GLU A 531 -14.89 -12.22 -23.71
N LEU A 532 -14.40 -11.30 -24.55
CA LEU A 532 -14.09 -11.64 -25.94
C LEU A 532 -12.94 -12.63 -25.94
N VAL A 533 -11.86 -12.23 -25.27
CA VAL A 533 -10.70 -13.09 -25.19
C VAL A 533 -11.06 -14.42 -24.53
N LYS A 534 -11.84 -14.39 -23.45
CA LYS A 534 -12.22 -15.63 -22.78
C LYS A 534 -12.96 -16.59 -23.71
N HIS A 535 -13.46 -16.05 -24.82
CA HIS A 535 -14.20 -16.86 -25.76
C HIS A 535 -13.34 -17.34 -26.93
N LYS A 536 -12.35 -16.53 -27.30
CA LYS A 536 -11.45 -16.87 -28.38
C LYS A 536 -10.03 -16.53 -27.94
N PRO A 537 -9.46 -17.36 -27.04
CA PRO A 537 -8.13 -17.23 -26.47
C PRO A 537 -6.97 -17.46 -27.46
N LYS A 538 -7.28 -18.02 -28.61
CA LYS A 538 -6.26 -18.29 -29.61
C LYS A 538 -6.18 -17.14 -30.63
N ALA A 539 -6.96 -16.09 -30.39
CA ALA A 539 -6.96 -14.95 -31.30
C ALA A 539 -5.60 -14.25 -31.23
N THR A 540 -5.10 -13.80 -32.37
CA THR A 540 -3.80 -13.13 -32.41
C THR A 540 -3.96 -11.64 -32.20
N LYS A 541 -2.84 -10.97 -31.94
CA LYS A 541 -2.85 -9.52 -31.75
C LYS A 541 -3.58 -8.90 -32.92
N GLU A 542 -3.26 -9.39 -34.11
CA GLU A 542 -3.87 -8.89 -35.34
C GLU A 542 -5.37 -9.12 -35.39
N GLN A 543 -5.80 -10.36 -35.18
CA GLN A 543 -7.23 -10.66 -35.21
C GLN A 543 -7.98 -9.75 -34.24
N LEU A 544 -7.46 -9.62 -33.02
CA LEU A 544 -8.07 -8.78 -32.02
C LEU A 544 -8.15 -7.32 -32.47
N LYS A 545 -7.00 -6.69 -32.68
CA LYS A 545 -6.99 -5.28 -33.10
C LYS A 545 -8.04 -5.03 -34.18
N ALA A 546 -8.33 -6.07 -34.96
CA ALA A 546 -9.32 -5.95 -36.02
C ALA A 546 -10.69 -5.67 -35.41
N VAL A 547 -11.16 -6.60 -34.60
CA VAL A 547 -12.44 -6.47 -33.95
C VAL A 547 -12.52 -5.14 -33.21
N MET A 548 -11.54 -4.88 -32.35
CA MET A 548 -11.50 -3.66 -31.59
C MET A 548 -11.63 -2.43 -32.44
N ASP A 549 -10.92 -2.40 -33.57
CA ASP A 549 -11.00 -1.26 -34.45
C ASP A 549 -12.43 -1.15 -35.00
N ASP A 550 -13.00 -2.29 -35.39
CA ASP A 550 -14.37 -2.29 -35.90
C ASP A 550 -15.28 -1.75 -34.82
N PHE A 551 -15.18 -2.34 -33.63
CA PHE A 551 -15.99 -1.93 -32.51
C PHE A 551 -15.82 -0.43 -32.29
N ALA A 552 -14.58 -0.01 -32.08
CA ALA A 552 -14.28 1.40 -31.86
C ALA A 552 -15.16 2.28 -32.74
N ALA A 553 -15.01 2.11 -34.06
CA ALA A 553 -15.80 2.87 -35.02
C ALA A 553 -17.28 2.69 -34.68
N PHE A 554 -17.75 1.45 -34.77
CA PHE A 554 -19.13 1.07 -34.46
C PHE A 554 -19.75 2.10 -33.51
N VAL A 555 -19.24 2.13 -32.29
CA VAL A 555 -19.72 3.08 -31.29
C VAL A 555 -19.78 4.51 -31.82
N GLU A 556 -18.64 5.17 -31.95
CA GLU A 556 -18.59 6.54 -32.44
C GLU A 556 -19.65 6.79 -33.50
N LYS A 557 -19.79 5.85 -34.43
CA LYS A 557 -20.77 5.96 -35.52
C LYS A 557 -22.22 5.91 -35.02
N CYS A 558 -22.54 4.93 -34.19
CA CYS A 558 -23.90 4.78 -33.66
C CYS A 558 -24.23 5.78 -32.56
N CYS A 559 -23.23 6.55 -32.11
CA CYS A 559 -23.46 7.54 -31.06
C CYS A 559 -23.50 8.95 -31.63
N LYS A 560 -23.46 9.06 -32.95
CA LYS A 560 -23.48 10.36 -33.59
C LYS A 560 -24.54 10.33 -34.70
N ALA A 561 -25.43 9.34 -34.62
CA ALA A 561 -26.48 9.18 -35.61
C ALA A 561 -27.86 9.00 -34.98
N ASP A 562 -28.85 9.65 -35.58
CA ASP A 562 -30.23 9.58 -35.10
C ASP A 562 -30.70 8.17 -34.84
N ASP A 563 -31.69 8.05 -33.97
CA ASP A 563 -32.23 6.73 -33.64
C ASP A 563 -31.11 5.81 -33.19
N LYS A 564 -30.57 6.10 -32.00
CA LYS A 564 -29.47 5.33 -31.46
C LYS A 564 -29.75 3.84 -31.32
N GLU A 565 -30.61 3.49 -30.37
CA GLU A 565 -30.93 2.10 -30.11
C GLU A 565 -31.21 1.24 -31.33
N THR A 566 -31.53 1.88 -32.45
CA THR A 566 -31.79 1.10 -33.65
C THR A 566 -30.43 0.71 -34.22
N CYS A 567 -29.57 1.72 -34.36
CA CYS A 567 -28.22 1.58 -34.90
C CYS A 567 -27.45 0.46 -34.18
N PHE A 568 -27.35 0.56 -32.86
CA PHE A 568 -26.65 -0.45 -32.08
C PHE A 568 -27.25 -1.84 -32.24
N ALA A 569 -28.55 -1.91 -32.48
CA ALA A 569 -29.23 -3.19 -32.64
C ALA A 569 -29.08 -3.74 -34.06
N GLU A 570 -29.10 -2.85 -35.05
CA GLU A 570 -28.97 -3.27 -36.44
C GLU A 570 -27.50 -3.50 -36.80
N GLU A 571 -26.65 -2.52 -36.50
CA GLU A 571 -25.23 -2.65 -36.78
C GLU A 571 -24.62 -3.70 -35.85
N GLY A 572 -25.11 -3.71 -34.61
CA GLY A 572 -24.63 -4.66 -33.62
C GLY A 572 -24.67 -6.10 -34.08
N LYS A 573 -25.75 -6.46 -34.78
CA LYS A 573 -25.89 -7.82 -35.28
C LYS A 573 -24.78 -8.03 -36.30
N LYS A 574 -24.56 -7.00 -37.12
CA LYS A 574 -23.53 -7.04 -38.16
C LYS A 574 -22.14 -7.22 -37.56
N LEU A 575 -21.84 -6.45 -36.52
CA LEU A 575 -20.53 -6.54 -35.90
C LEU A 575 -20.27 -7.96 -35.43
N VAL A 576 -21.14 -8.47 -34.57
CA VAL A 576 -20.99 -9.81 -34.04
C VAL A 576 -20.94 -10.89 -35.10
N ALA A 577 -21.70 -10.72 -36.17
CA ALA A 577 -21.74 -11.71 -37.24
C ALA A 577 -20.40 -11.76 -37.96
N ALA A 578 -19.88 -10.58 -38.30
CA ALA A 578 -18.60 -10.46 -38.99
C ALA A 578 -17.46 -10.98 -38.11
N SER A 579 -17.43 -10.49 -36.88
CA SER A 579 -16.40 -10.86 -35.93
C SER A 579 -16.35 -12.36 -35.64
N GLN A 580 -17.50 -13.00 -35.44
CA GLN A 580 -17.49 -14.43 -35.17
C GLN A 580 -16.78 -15.13 -36.32
N ALA A 581 -16.96 -14.59 -37.53
CA ALA A 581 -16.38 -15.14 -38.74
C ALA A 581 -14.87 -14.93 -38.86
N ALA A 582 -14.44 -13.69 -38.66
CA ALA A 582 -13.03 -13.34 -38.72
C ALA A 582 -12.21 -14.15 -37.73
N LEU A 583 -12.78 -14.38 -36.54
CA LEU A 583 -12.10 -15.12 -35.49
C LEU A 583 -12.36 -16.63 -35.59
N GLY A 584 -13.02 -17.05 -36.67
CA GLY A 584 -13.31 -18.46 -36.85
C GLY A 584 -13.65 -19.20 -35.58
C1 MYR B . -14.42 8.54 -1.23
O1 MYR B . -13.47 9.18 -1.74
O2 MYR B . -15.20 7.83 -1.90
C2 MYR B . -14.61 8.63 0.29
C3 MYR B . -15.59 9.76 0.63
C4 MYR B . -14.74 10.84 1.32
C5 MYR B . -15.12 12.25 0.88
C6 MYR B . -15.21 13.21 2.07
C7 MYR B . -13.84 13.76 2.46
C8 MYR B . -13.70 13.98 3.97
C9 MYR B . -12.68 13.02 4.59
C10 MYR B . -11.99 13.65 5.80
C11 MYR B . -11.37 12.59 6.74
C12 MYR B . -9.98 12.09 6.29
C1 MYR C . 4.69 9.63 16.06
O1 MYR C . 5.64 10.41 15.85
O2 MYR C . 4.26 8.85 15.18
C2 MYR C . 4.04 9.60 17.44
C3 MYR C . 3.12 10.80 17.66
C4 MYR C . 2.58 10.63 19.09
C5 MYR C . 1.08 10.83 19.16
C6 MYR C . 0.51 10.58 20.57
C7 MYR C . -0.87 9.93 20.49
C8 MYR C . -1.56 9.88 21.86
C9 MYR C . -3.08 10.01 21.69
C10 MYR C . -3.86 9.25 22.77
C11 MYR C . -4.51 10.19 23.79
C12 MYR C . -5.03 9.44 25.01
C1 MYR D . 10.88 -6.49 -8.44
O1 MYR D . 10.34 -7.60 -8.52
O2 MYR D . 12.11 -6.34 -8.28
C2 MYR D . 10.01 -5.25 -8.59
C3 MYR D . 10.18 -4.64 -9.98
C4 MYR D . 9.10 -5.27 -10.85
C5 MYR D . 9.33 -4.91 -12.30
C6 MYR D . 8.07 -5.11 -13.11
C7 MYR D . 7.90 -4.02 -14.16
C8 MYR D . 6.64 -3.19 -13.91
C9 MYR D . 6.32 -2.27 -15.10
C10 MYR D . 5.00 -1.51 -14.91
C11 MYR D . 3.81 -2.31 -15.38
C1 MYR E . 4.71 -9.00 -15.88
O1 MYR E . 5.79 -9.64 -15.83
O2 MYR E . 3.74 -9.37 -16.57
C2 MYR E . 4.58 -7.71 -15.05
C3 MYR E . 4.51 -8.04 -13.57
C4 MYR E . 3.06 -7.80 -13.15
C5 MYR E . 2.40 -9.08 -12.62
C6 MYR E . 0.88 -8.95 -12.64
C7 MYR E . 0.22 -10.22 -13.14
C8 MYR E . -1.25 -10.27 -12.72
C9 MYR E . -1.93 -11.56 -13.16
C10 MYR E . -3.40 -11.31 -13.56
C11 MYR E . -4.39 -11.95 -12.57
C1 MYR F . -11.73 0.66 -27.37
O1 MYR F . -12.72 0.69 -28.13
O2 MYR F . -10.96 1.63 -27.21
C2 MYR F . -11.44 -0.61 -26.57
C3 MYR F . -11.63 -1.86 -27.45
C4 MYR F . -12.70 -2.66 -26.74
C5 MYR F . -13.58 -3.37 -27.73
C6 MYR F . -14.37 -4.50 -27.11
C7 MYR F . -14.58 -5.62 -28.11
C8 MYR F . -15.99 -6.20 -28.03
C9 MYR F . -16.49 -6.63 -29.40
C10 MYR F . -17.16 -7.98 -29.34
C11 MYR F . -17.60 -8.46 -30.72
C12 MYR F . -16.96 -9.80 -31.06
C13 MYR F . -17.87 -10.97 -30.73
C14 MYR F . -17.25 -12.27 -31.19
C1 MYR G . 13.79 -14.20 2.97
O1 MYR G . 14.01 -15.02 3.89
O2 MYR G . 12.88 -14.35 2.11
C2 MYR G . 14.67 -12.94 2.88
C3 MYR G . 15.85 -13.17 1.93
C4 MYR G . 17.04 -13.46 2.84
C5 MYR G . 18.24 -12.67 2.43
C6 MYR G . 19.38 -12.93 3.39
C7 MYR G . 19.71 -11.70 4.21
C8 MYR G . 19.78 -12.02 5.67
C9 MYR G . 20.56 -10.96 6.40
C10 MYR G . 19.98 -10.70 7.78
C11 MYR G . 20.04 -9.22 8.13
C12 MYR G . 20.12 -8.99 9.64
C13 MYR G . 21.22 -8.00 10.00
C14 MYR G . 21.84 -8.32 11.35
N 9NR H . 9.90 3.66 5.48
CA 9NR H . 8.96 2.83 4.71
C 9NR H . 9.46 2.59 3.27
O 9NR H . 9.35 1.34 2.85
CB 9NR H . 7.58 3.51 4.71
CG 9NR H . 7.16 3.99 6.09
CD 9NR H . 5.73 3.64 6.40
NE 9NR H . 4.84 4.66 5.87
CZ 9NR H . 3.50 4.66 5.94
NH1 9NR H . 2.85 3.66 6.55
NH2 9NR H . 2.83 5.67 5.43
OXT 9NR H . 9.97 3.48 2.65
S1 9NR H . 11.09 2.94 6.34
O2 9NR H . 10.58 1.68 6.83
O3 9NR H . 12.21 2.92 5.45
N1 9NR H . 10.62 6.25 12.16
C1 9NR H . 11.47 3.99 7.70
C2 9NR H . 12.68 4.63 7.62
C3 9NR H . 13.12 5.50 8.66
C4 9NR H . 12.32 5.73 9.78
C5 9NR H . 11.03 5.09 9.93
C6 9NR H . 10.56 4.18 8.86
C7 9NR H . 9.27 3.55 9.04
C8 9NR H . 8.50 3.79 10.17
C9 9NR H . 8.93 4.68 11.19
C10 9NR H . 10.17 5.33 11.11
C11 9NR H . 10.17 7.64 11.87
C12 9NR H . 10.14 5.94 13.55
N 9NR I . -12.44 3.52 -0.69
CA 9NR I . -12.20 2.71 -1.92
C 9NR I . -13.18 3.17 -3.00
O 9NR I . -12.88 2.79 -4.20
CB 9NR I . -12.27 1.14 -1.74
CG 9NR I . -13.65 0.42 -1.77
CD 9NR I . -13.77 -0.50 -0.56
NE 9NR I . -15.05 -0.35 0.11
CZ 9NR I . -15.42 -1.02 1.21
NH1 9NR I . -14.58 -1.90 1.77
NH2 9NR I . -16.61 -0.81 1.74
OXT 9NR I . -14.15 3.85 -2.67
S1 9NR I . -12.41 3.04 0.87
O2 9NR I . -13.50 3.74 1.47
O3 9NR I . -12.50 1.62 0.94
N1 9NR I . -7.56 7.02 3.36
C1 9NR I . -10.86 3.56 1.63
C2 9NR I . -9.96 2.55 2.02
C3 9NR I . -8.71 2.88 2.62
C4 9NR I . -8.37 4.20 2.86
C5 9NR I . -9.24 5.30 2.49
C6 9NR I . -10.54 4.99 1.86
C7 9NR I . -11.40 6.10 1.50
C8 9NR I . -11.03 7.41 1.74
C9 9NR I . -9.78 7.72 2.35
C10 9NR I . -8.88 6.71 2.74
C11 9NR I . -7.09 8.41 3.12
C12 9NR I . -7.51 6.82 4.85
#